data_5ZSO
#
_entry.id   5ZSO
#
_cell.length_a   91.800
_cell.length_b   91.800
_cell.length_c   127.000
_cell.angle_alpha   90.000
_cell.angle_beta   90.000
_cell.angle_gamma   120.000
#
_symmetry.space_group_name_H-M   'P 31 2 1'
#
loop_
_entity.id
_entity.type
_entity.pdbx_description
1 polymer 'Cysteine desulfurase SufS'
2 non-polymer DI(HYDROXYETHYL)ETHER
3 non-polymer N-({3-HYDROXY-2-METHYL-5-[(PHOSPHONOOXY)METHYL]PYRIDIN-4-YL}METHYL)-L-CYSTEINE
4 water water
#
_entity_poly.entity_id   1
_entity_poly.type   'polypeptide(L)'
_entity_poly.pdbx_seq_one_letter_code
;MGHMNITDIREQFPILHQQVNGHDLVYLDSAATSQKPRAVIETLDKYYNQYNSNVHRGVHTLGTRATDGYEGAREKVRKF
INAKSMAEIIFTKGTTTSLNMVALSYARANLKPGDEVVITYMEHHANIIPWQQAVKATGATLKYIPLQEDGTISLEDVRE
TVTSNTKIVAVSHVSNVLGTVNPIKEMAKIAHDNGAVIVVDGAQSTPHMKIDVQDLDCDFFALSSHKMCGPTGVGVLYGK
KALLENMEPAEFGGEMIDFVGLYESTWKELPWKFEAGTPIIAGAIGLGAAIDFLEEIGLDEISRHEHKLAAYALERFRQL
DGVTVYGPEERAGLVTFNLDDVHPHDVATVLDAEGIAVRAGHH(CSS)AQPLMKWLDVTATARASFYLYNTEEEIDKLVE
ALQKTKEYFTNVFVDLEHHHHHH
;
_entity_poly.pdbx_strand_id   A
#
loop_
_chem_comp.id
_chem_comp.type
_chem_comp.name
_chem_comp.formula
C6P non-polymer N-({3-HYDROXY-2-METHYL-5-[(PHOSPHONOOXY)METHYL]PYRIDIN-4-YL}METHYL)-L-CYSTEINE 'C11 H17 N2 O7 P S'
PEG non-polymer DI(HYDROXYETHYL)ETHER 'C4 H10 O3'
#
# COMPACT_ATOMS: atom_id res chain seq x y z
N MET A 4 -10.33 -19.05 -11.76
CA MET A 4 -9.44 -17.96 -12.14
C MET A 4 -8.43 -18.42 -13.21
N ASN A 5 -8.75 -18.13 -14.46
CA ASN A 5 -7.85 -18.43 -15.57
C ASN A 5 -6.90 -17.25 -15.74
N ILE A 6 -5.59 -17.52 -15.62
CA ILE A 6 -4.61 -16.45 -15.60
C ILE A 6 -4.22 -16.01 -17.01
N THR A 7 -4.37 -16.87 -18.02
CA THR A 7 -4.17 -16.43 -19.39
C THR A 7 -5.19 -15.37 -19.77
N ASP A 8 -6.46 -15.59 -19.40
CA ASP A 8 -7.51 -14.58 -19.64
C ASP A 8 -7.16 -13.26 -18.98
N ILE A 9 -6.53 -13.31 -17.80
CA ILE A 9 -6.18 -12.09 -17.09
C ILE A 9 -5.03 -11.38 -17.78
N ARG A 10 -3.97 -12.14 -18.11
CA ARG A 10 -2.82 -11.55 -18.79
C ARG A 10 -3.20 -10.93 -20.12
N GLU A 11 -4.22 -11.48 -20.79
CA GLU A 11 -4.67 -10.89 -22.06
C GLU A 11 -5.24 -9.48 -21.87
N GLN A 12 -5.61 -9.11 -20.65
CA GLN A 12 -6.19 -7.80 -20.39
C GLN A 12 -5.16 -6.70 -20.16
N PHE A 13 -3.90 -7.05 -19.92
CA PHE A 13 -2.85 -6.07 -19.63
C PHE A 13 -1.95 -5.90 -20.85
N PRO A 14 -2.12 -4.83 -21.62
CA PRO A 14 -1.33 -4.71 -22.87
C PRO A 14 0.15 -4.55 -22.64
N ILE A 15 0.58 -4.01 -21.50
CA ILE A 15 1.99 -3.77 -21.25
C ILE A 15 2.78 -5.05 -21.08
N LEU A 16 2.13 -6.16 -20.73
CA LEU A 16 2.85 -7.41 -20.50
C LEU A 16 3.37 -8.02 -21.79
N HIS A 17 2.70 -7.75 -22.92
CA HIS A 17 3.05 -8.38 -24.19
C HIS A 17 4.03 -7.50 -24.96
N GLN A 18 5.26 -7.46 -24.44
CA GLN A 18 6.35 -6.76 -25.10
C GLN A 18 7.66 -7.44 -24.72
N GLN A 19 8.73 -7.01 -25.36
CA GLN A 19 10.05 -7.57 -25.13
C GLN A 19 10.99 -6.49 -24.61
N VAL A 20 11.94 -6.91 -23.77
CA VAL A 20 12.90 -6.01 -23.15
C VAL A 20 14.29 -6.59 -23.35
N ASN A 21 15.14 -5.86 -24.08
CA ASN A 21 16.50 -6.28 -24.36
C ASN A 21 16.55 -7.67 -25.00
N GLY A 22 15.63 -7.91 -25.93
CA GLY A 22 15.56 -9.16 -26.66
C GLY A 22 14.68 -10.22 -26.02
N HIS A 23 14.59 -10.23 -24.71
CA HIS A 23 13.83 -11.25 -23.99
C HIS A 23 12.39 -10.78 -23.75
N ASP A 24 11.50 -11.74 -23.56
CA ASP A 24 10.14 -11.44 -23.16
C ASP A 24 10.13 -10.73 -21.82
N LEU A 25 9.16 -9.83 -21.64
CA LEU A 25 9.05 -9.09 -20.39
C LEU A 25 8.56 -10.01 -19.27
N VAL A 26 9.32 -10.07 -18.19
CA VAL A 26 8.93 -10.79 -16.99
C VAL A 26 8.87 -9.75 -15.88
N TYR A 27 7.70 -9.14 -15.69
CA TYR A 27 7.52 -8.07 -14.72
C TYR A 27 7.30 -8.69 -13.34
N LEU A 28 8.25 -8.45 -12.43
CA LEU A 28 8.21 -8.97 -11.07
C LEU A 28 8.48 -7.86 -10.08
N ASP A 29 7.89 -6.69 -10.30
CA ASP A 29 8.09 -5.51 -9.45
C ASP A 29 6.75 -4.87 -9.11
N SER A 30 5.73 -5.70 -8.88
CA SER A 30 4.40 -5.18 -8.59
C SER A 30 4.31 -4.52 -7.23
N ALA A 31 5.22 -4.84 -6.30
CA ALA A 31 5.23 -4.14 -5.02
C ALA A 31 5.65 -2.68 -5.16
N ALA A 32 6.35 -2.34 -6.25
CA ALA A 32 6.62 -0.94 -6.54
C ALA A 32 5.44 -0.28 -7.23
N THR A 33 4.94 -0.91 -8.29
CA THR A 33 3.70 -0.48 -8.93
C THR A 33 3.17 -1.63 -9.78
N SER A 34 1.85 -1.67 -9.91
CA SER A 34 1.18 -2.72 -10.66
C SER A 34 0.80 -2.21 -12.05
N GLN A 35 0.52 -3.16 -12.94
CA GLN A 35 0.08 -2.81 -14.27
C GLN A 35 -1.45 -2.75 -14.31
N LYS A 36 -1.97 -2.09 -15.35
CA LYS A 36 -3.39 -1.83 -15.39
C LYS A 36 -4.05 -2.61 -16.51
N PRO A 37 -5.23 -3.16 -16.29
CA PRO A 37 -5.97 -3.84 -17.36
C PRO A 37 -6.66 -2.82 -18.26
N ARG A 38 -7.21 -3.34 -19.36
CA ARG A 38 -7.88 -2.48 -20.33
C ARG A 38 -9.08 -1.77 -19.71
N ALA A 39 -9.70 -2.37 -18.69
CA ALA A 39 -10.85 -1.73 -18.05
C ALA A 39 -10.49 -0.37 -17.49
N VAL A 40 -9.36 -0.28 -16.79
CA VAL A 40 -8.98 0.95 -16.11
C VAL A 40 -8.55 2.02 -17.12
N ILE A 41 -7.67 1.64 -18.06
CA ILE A 41 -7.22 2.58 -19.08
C ILE A 41 -8.39 3.09 -19.89
N GLU A 42 -9.31 2.20 -20.26
CA GLU A 42 -10.46 2.61 -21.05
C GLU A 42 -11.46 3.41 -20.23
N THR A 43 -11.49 3.22 -18.90
CA THR A 43 -12.28 4.09 -18.05
C THR A 43 -11.73 5.51 -18.07
N LEU A 44 -10.42 5.65 -17.94
CA LEU A 44 -9.80 6.97 -18.07
C LEU A 44 -10.10 7.57 -19.44
N ASP A 45 -10.01 6.75 -20.50
CA ASP A 45 -10.30 7.22 -21.85
C ASP A 45 -11.73 7.71 -21.98
N LYS A 46 -12.69 6.93 -21.46
CA LYS A 46 -14.09 7.33 -21.54
C LYS A 46 -14.34 8.60 -20.75
N TYR A 47 -13.69 8.75 -19.59
CA TYR A 47 -13.84 9.97 -18.82
C TYR A 47 -13.38 11.19 -19.63
N TYR A 48 -12.15 11.13 -20.14
CA TYR A 48 -11.62 12.29 -20.85
C TYR A 48 -12.29 12.49 -22.21
N ASN A 49 -12.92 11.46 -22.76
CA ASN A 49 -13.56 11.55 -24.07
C ASN A 49 -15.03 11.93 -24.01
N GLN A 50 -15.69 11.76 -22.86
CA GLN A 50 -17.14 11.85 -22.90
C GLN A 50 -17.73 12.76 -21.84
N TYR A 51 -17.26 12.71 -20.60
CA TYR A 51 -17.94 13.47 -19.54
C TYR A 51 -16.97 14.12 -18.56
N ASN A 52 -15.82 14.58 -19.03
CA ASN A 52 -14.90 15.30 -18.15
C ASN A 52 -15.46 16.68 -17.83
N SER A 53 -15.56 16.98 -16.54
CA SER A 53 -15.97 18.28 -16.04
C SER A 53 -15.61 18.34 -14.56
N ASN A 54 -15.62 19.55 -14.01
CA ASN A 54 -15.36 19.68 -12.58
C ASN A 54 -16.58 19.20 -11.79
N VAL A 55 -16.31 18.69 -10.60
CA VAL A 55 -17.33 18.05 -9.78
C VAL A 55 -17.77 19.01 -8.69
N HIS A 56 -19.04 18.87 -8.27
CA HIS A 56 -19.63 19.69 -7.21
C HIS A 56 -19.56 21.18 -7.52
N ARG A 57 -19.44 21.55 -8.79
CA ARG A 57 -19.10 22.93 -9.16
C ARG A 57 -19.71 23.24 -10.53
N GLY A 58 -21.01 23.49 -10.55
CA GLY A 58 -21.70 23.72 -11.79
C GLY A 58 -22.53 22.52 -12.18
N VAL A 59 -23.84 22.73 -12.32
CA VAL A 59 -24.80 21.63 -12.36
C VAL A 59 -25.19 21.25 -13.79
N HIS A 60 -24.36 21.60 -14.78
CA HIS A 60 -24.66 21.21 -16.15
C HIS A 60 -24.47 19.69 -16.32
N THR A 61 -24.91 19.18 -17.48
CA THR A 61 -25.01 17.75 -17.69
C THR A 61 -23.67 17.04 -17.47
N LEU A 62 -22.61 17.54 -18.12
CA LEU A 62 -21.30 16.94 -17.93
C LEU A 62 -20.83 17.05 -16.48
N GLY A 63 -21.15 18.18 -15.83
CA GLY A 63 -20.81 18.34 -14.43
C GLY A 63 -21.42 17.28 -13.54
N THR A 64 -22.72 17.00 -13.74
CA THR A 64 -23.39 15.99 -12.92
C THR A 64 -22.92 14.59 -13.27
N ARG A 65 -22.62 14.34 -14.55
CA ARG A 65 -22.06 13.04 -14.91
C ARG A 65 -20.72 12.80 -14.22
N ALA A 66 -19.83 13.81 -14.22
CA ALA A 66 -18.55 13.67 -13.57
C ALA A 66 -18.69 13.54 -12.05
N THR A 67 -19.56 14.34 -11.45
CA THR A 67 -19.80 14.24 -10.01
C THR A 67 -20.34 12.87 -9.64
N ASP A 68 -21.28 12.35 -10.44
CA ASP A 68 -21.83 11.02 -10.19
C ASP A 68 -20.75 9.95 -10.29
N GLY A 69 -19.91 10.03 -11.32
CA GLY A 69 -18.81 9.08 -11.43
C GLY A 69 -17.88 9.12 -10.23
N TYR A 70 -17.50 10.33 -9.81
CA TYR A 70 -16.57 10.49 -8.69
C TYR A 70 -17.16 9.92 -7.40
N GLU A 71 -18.39 10.30 -7.07
CA GLU A 71 -18.98 9.84 -5.82
C GLU A 71 -19.34 8.35 -5.88
N GLY A 72 -19.67 7.84 -7.07
CA GLY A 72 -19.87 6.41 -7.21
C GLY A 72 -18.59 5.63 -7.01
N ALA A 73 -17.47 6.19 -7.46
CA ALA A 73 -16.18 5.58 -7.14
C ALA A 73 -15.93 5.59 -5.64
N ARG A 74 -16.29 6.69 -4.97
CA ARG A 74 -16.17 6.73 -3.51
C ARG A 74 -16.98 5.62 -2.84
N GLU A 75 -18.21 5.41 -3.31
CA GLU A 75 -19.03 4.34 -2.73
C GLU A 75 -18.49 2.96 -3.07
N LYS A 76 -17.93 2.80 -4.27
CA LYS A 76 -17.26 1.54 -4.62
C LYS A 76 -16.12 1.26 -3.65
N VAL A 77 -15.35 2.30 -3.30
CA VAL A 77 -14.29 2.14 -2.31
C VAL A 77 -14.87 1.75 -0.96
N ARG A 78 -15.97 2.41 -0.56
CA ARG A 78 -16.60 2.09 0.73
C ARG A 78 -17.00 0.63 0.80
N LYS A 79 -17.62 0.13 -0.27
CA LYS A 79 -18.00 -1.29 -0.32
C LYS A 79 -16.77 -2.19 -0.34
N PHE A 80 -15.72 -1.77 -1.04
CA PHE A 80 -14.56 -2.62 -1.25
C PHE A 80 -13.86 -2.95 0.07
N ILE A 81 -13.81 -1.98 1.00
CA ILE A 81 -13.13 -2.18 2.28
C ILE A 81 -14.13 -2.25 3.42
N ASN A 82 -15.43 -2.31 3.12
CA ASN A 82 -16.50 -2.53 4.10
C ASN A 82 -16.61 -1.39 5.11
N ALA A 83 -16.29 -0.17 4.70
CA ALA A 83 -16.49 0.98 5.58
C ALA A 83 -17.98 1.19 5.85
N LYS A 84 -18.27 1.76 7.02
CA LYS A 84 -19.66 2.04 7.36
C LYS A 84 -20.27 3.07 6.43
N SER A 85 -19.58 4.20 6.23
CA SER A 85 -20.11 5.32 5.47
C SER A 85 -19.03 5.85 4.55
N MET A 86 -19.46 6.37 3.39
CA MET A 86 -18.48 7.00 2.51
C MET A 86 -18.00 8.35 3.04
N ALA A 87 -18.56 8.83 4.15
CA ALA A 87 -17.96 9.95 4.86
C ALA A 87 -16.64 9.56 5.51
N GLU A 88 -16.39 8.26 5.65
CA GLU A 88 -15.13 7.73 6.17
C GLU A 88 -14.15 7.40 5.06
N ILE A 89 -14.48 7.71 3.80
CA ILE A 89 -13.64 7.40 2.66
C ILE A 89 -13.17 8.73 2.07
N ILE A 90 -11.88 9.02 2.19
CA ILE A 90 -11.30 10.28 1.72
C ILE A 90 -10.31 9.96 0.61
N PHE A 91 -10.46 10.64 -0.52
CA PHE A 91 -9.53 10.47 -1.63
C PHE A 91 -8.30 11.33 -1.39
N THR A 92 -7.12 10.72 -1.45
CA THR A 92 -5.86 11.39 -1.21
C THR A 92 -4.94 11.16 -2.42
N LYS A 93 -3.71 11.66 -2.30
CA LYS A 93 -2.71 11.45 -3.34
C LYS A 93 -2.13 10.04 -3.31
N GLY A 94 -2.19 9.37 -2.18
CA GLY A 94 -1.63 8.05 -2.03
C GLY A 94 -1.50 7.68 -0.57
N THR A 95 -0.92 6.50 -0.35
CA THR A 95 -0.73 6.01 1.01
C THR A 95 0.14 6.97 1.83
N THR A 96 1.23 7.47 1.23
CA THR A 96 2.09 8.42 1.91
C THR A 96 1.31 9.64 2.36
N THR A 97 0.49 10.19 1.47
CA THR A 97 -0.28 11.39 1.81
C THR A 97 -1.31 11.10 2.89
N SER A 98 -1.95 9.92 2.85
CA SER A 98 -2.93 9.59 3.88
C SER A 98 -2.28 9.44 5.25
N LEU A 99 -1.12 8.76 5.30
CA LEU A 99 -0.40 8.64 6.56
C LEU A 99 0.04 10.00 7.07
N ASN A 100 0.51 10.87 6.16
CA ASN A 100 0.88 12.22 6.56
C ASN A 100 -0.31 13.00 7.09
N MET A 101 -1.49 12.77 6.49
CA MET A 101 -2.70 13.46 6.94
C MET A 101 -3.08 13.02 8.35
N VAL A 102 -2.99 11.72 8.63
CA VAL A 102 -3.27 11.24 9.97
C VAL A 102 -2.24 11.79 10.96
N ALA A 103 -0.98 11.88 10.53
CA ALA A 103 0.06 12.36 11.42
C ALA A 103 -0.04 13.86 11.68
N LEU A 104 -0.58 14.62 10.74
CA LEU A 104 -0.68 16.06 10.90
C LEU A 104 -1.98 16.49 11.58
N SER A 105 -3.09 15.84 11.25
CA SER A 105 -4.40 16.27 11.74
C SER A 105 -4.85 15.53 12.99
N TYR A 106 -4.40 14.29 13.19
CA TYR A 106 -4.69 13.58 14.43
C TYR A 106 -3.52 13.62 15.41
N ALA A 107 -2.33 13.23 14.97
CA ALA A 107 -1.20 13.11 15.89
C ALA A 107 -0.81 14.46 16.47
N ARG A 108 -0.43 15.41 15.62
CA ARG A 108 0.04 16.71 16.09
C ARG A 108 -0.99 17.47 16.91
N ALA A 109 -2.24 17.01 16.96
CA ALA A 109 -3.29 17.66 17.73
C ALA A 109 -3.72 16.88 18.96
N ASN A 110 -3.22 15.66 19.15
CA ASN A 110 -3.65 14.81 20.26
C ASN A 110 -2.46 14.16 20.97
N LEU A 111 -1.31 14.82 20.97
CA LEU A 111 -0.11 14.28 21.60
C LEU A 111 0.52 15.32 22.51
N LYS A 112 0.56 15.00 23.80
CA LYS A 112 1.28 15.77 24.80
C LYS A 112 2.56 15.04 25.18
N PRO A 113 3.53 15.74 25.77
CA PRO A 113 4.75 15.05 26.25
C PRO A 113 4.39 13.97 27.25
N GLY A 114 5.08 12.83 27.15
CA GLY A 114 4.73 11.64 27.87
C GLY A 114 3.91 10.66 27.07
N ASP A 115 3.19 11.12 26.06
CA ASP A 115 2.50 10.22 25.16
C ASP A 115 3.50 9.47 24.28
N GLU A 116 3.14 8.26 23.91
CA GLU A 116 4.02 7.40 23.11
C GLU A 116 3.36 7.06 21.78
N VAL A 117 4.16 7.08 20.72
CA VAL A 117 3.77 6.58 19.41
C VAL A 117 4.64 5.37 19.12
N VAL A 118 4.01 4.22 18.90
CA VAL A 118 4.71 2.95 18.71
C VAL A 118 4.55 2.54 17.25
N ILE A 119 5.68 2.32 16.58
CA ILE A 119 5.69 1.73 15.25
C ILE A 119 6.48 0.44 15.31
N THR A 120 6.92 -0.06 14.16
CA THR A 120 7.68 -1.30 14.09
C THR A 120 8.95 -1.10 13.27
N TYR A 121 9.84 -2.10 13.33
CA TYR A 121 11.10 -2.03 12.62
C TYR A 121 10.97 -2.31 11.13
N MET A 122 9.85 -2.90 10.69
CA MET A 122 9.65 -3.25 9.30
C MET A 122 8.85 -2.20 8.53
N GLU A 123 8.52 -1.07 9.16
CA GLU A 123 7.63 -0.11 8.54
C GLU A 123 8.29 0.59 7.35
N HIS A 124 7.49 0.83 6.32
CA HIS A 124 7.91 1.68 5.22
C HIS A 124 8.23 3.08 5.75
N HIS A 125 9.07 3.80 4.99
CA HIS A 125 9.42 5.16 5.39
C HIS A 125 8.19 6.05 5.51
N ALA A 126 7.14 5.77 4.72
CA ALA A 126 5.91 6.55 4.80
C ALA A 126 5.23 6.38 6.16
N ASN A 127 5.41 5.23 6.80
CA ASN A 127 4.86 4.96 8.12
C ASN A 127 5.90 5.12 9.23
N ILE A 128 6.90 5.97 9.02
CA ILE A 128 7.94 6.21 10.01
C ILE A 128 8.17 7.71 10.18
N ILE A 129 8.59 8.37 9.10
CA ILE A 129 9.01 9.78 9.21
C ILE A 129 7.86 10.69 9.62
N PRO A 130 6.62 10.52 9.14
CA PRO A 130 5.53 11.34 9.69
C PRO A 130 5.41 11.26 11.20
N TRP A 131 5.59 10.06 11.77
CA TRP A 131 5.51 9.92 13.23
C TRP A 131 6.73 10.54 13.90
N GLN A 132 7.91 10.39 13.30
CA GLN A 132 9.10 11.09 13.78
C GLN A 132 8.82 12.58 13.91
N GLN A 133 8.35 13.20 12.83
CA GLN A 133 8.10 14.63 12.82
C GLN A 133 6.97 15.02 13.76
N ALA A 134 5.95 14.17 13.90
CA ALA A 134 4.85 14.49 14.82
C ALA A 134 5.33 14.50 16.26
N VAL A 135 6.09 13.48 16.67
CA VAL A 135 6.58 13.45 18.04
C VAL A 135 7.63 14.52 18.27
N LYS A 136 8.33 14.95 17.21
CA LYS A 136 9.24 16.08 17.35
C LYS A 136 8.46 17.37 17.57
N ALA A 137 7.34 17.54 16.86
CA ALA A 137 6.54 18.74 17.00
C ALA A 137 5.82 18.80 18.34
N THR A 138 5.45 17.64 18.89
CA THR A 138 4.70 17.60 20.14
C THR A 138 5.55 17.28 21.36
N GLY A 139 6.81 16.86 21.17
CA GLY A 139 7.61 16.44 22.30
C GLY A 139 7.22 15.10 22.88
N ALA A 140 6.49 14.29 22.12
CA ALA A 140 6.10 12.96 22.57
C ALA A 140 7.27 12.01 22.41
N THR A 141 7.02 10.71 22.54
CA THR A 141 8.06 9.68 22.47
C THR A 141 7.72 8.68 21.37
N LEU A 142 8.71 8.36 20.56
CA LEU A 142 8.57 7.36 19.51
C LEU A 142 9.20 6.05 19.97
N LYS A 143 8.41 4.97 19.93
CA LYS A 143 8.88 3.66 20.33
C LYS A 143 8.69 2.67 19.19
N TYR A 144 9.48 1.61 19.21
CA TYR A 144 9.44 0.58 18.18
C TYR A 144 9.10 -0.76 18.81
N ILE A 145 8.30 -1.56 18.10
CA ILE A 145 8.01 -2.93 18.48
C ILE A 145 9.07 -3.83 17.86
N PRO A 146 9.86 -4.55 18.65
CA PRO A 146 10.89 -5.43 18.08
C PRO A 146 10.27 -6.53 17.24
N LEU A 147 11.10 -7.13 16.41
CA LEU A 147 10.67 -8.20 15.51
C LEU A 147 11.26 -9.53 15.95
N GLN A 148 10.52 -10.60 15.68
CA GLN A 148 11.05 -11.94 15.89
C GLN A 148 12.16 -12.21 14.87
N GLU A 149 12.90 -13.30 15.11
CA GLU A 149 14.03 -13.63 14.26
C GLU A 149 13.60 -14.00 12.84
N ASP A 150 12.34 -14.36 12.64
CA ASP A 150 11.83 -14.67 11.31
C ASP A 150 11.09 -13.49 10.67
N GLY A 151 11.14 -12.32 11.30
CA GLY A 151 10.53 -11.13 10.73
C GLY A 151 9.05 -10.96 11.01
N THR A 152 8.49 -11.68 11.97
CA THR A 152 7.10 -11.51 12.36
C THR A 152 7.01 -10.73 13.67
N ILE A 153 5.80 -10.34 14.02
CA ILE A 153 5.51 -9.62 15.26
C ILE A 153 4.68 -10.53 16.16
N SER A 154 5.11 -10.67 17.41
CA SER A 154 4.36 -11.41 18.41
C SER A 154 3.51 -10.44 19.22
N LEU A 155 2.29 -10.86 19.56
CA LEU A 155 1.38 -10.00 20.30
C LEU A 155 1.91 -9.70 21.71
N GLU A 156 2.73 -10.58 22.26
CA GLU A 156 3.33 -10.31 23.57
C GLU A 156 4.30 -9.13 23.49
N ASP A 157 5.11 -9.07 22.43
CA ASP A 157 5.98 -7.91 22.23
C ASP A 157 5.17 -6.64 22.07
N VAL A 158 4.03 -6.72 21.37
CA VAL A 158 3.13 -5.57 21.28
C VAL A 158 2.71 -5.13 22.67
N ARG A 159 2.09 -6.04 23.42
CA ARG A 159 1.58 -5.70 24.76
C ARG A 159 2.68 -5.12 25.64
N GLU A 160 3.92 -5.60 25.49
CA GLU A 160 5.01 -5.06 26.29
C GLU A 160 5.46 -3.69 25.80
N THR A 161 5.30 -3.42 24.50
CA THR A 161 5.75 -2.14 23.94
C THR A 161 4.72 -1.04 24.11
N VAL A 162 3.44 -1.32 23.83
CA VAL A 162 2.40 -0.30 23.99
C VAL A 162 1.96 -0.26 25.44
N THR A 163 2.03 0.92 26.05
CA THR A 163 1.68 1.13 27.44
C THR A 163 0.42 1.98 27.54
N SER A 164 0.07 2.36 28.77
CA SER A 164 -1.09 3.21 28.99
C SER A 164 -0.87 4.65 28.55
N ASN A 165 0.37 5.04 28.24
CA ASN A 165 0.69 6.36 27.74
C ASN A 165 0.76 6.42 26.23
N THR A 166 0.41 5.32 25.55
CA THR A 166 0.47 5.28 24.09
C THR A 166 -0.80 5.87 23.50
N LYS A 167 -0.65 6.77 22.54
CA LYS A 167 -1.78 7.33 21.81
C LYS A 167 -2.02 6.68 20.46
N ILE A 168 -0.94 6.26 19.77
CA ILE A 168 -1.05 5.76 18.41
C ILE A 168 -0.17 4.53 18.25
N VAL A 169 -0.76 3.45 17.75
CA VAL A 169 -0.04 2.32 17.19
C VAL A 169 -0.09 2.46 15.68
N ALA A 170 1.06 2.59 15.04
CA ALA A 170 1.13 2.69 13.58
C ALA A 170 1.84 1.46 13.05
N VAL A 171 1.15 0.68 12.22
CA VAL A 171 1.68 -0.61 11.78
C VAL A 171 1.16 -0.89 10.38
N SER A 172 1.96 -1.61 9.59
CA SER A 172 1.57 -2.00 8.24
C SER A 172 0.82 -3.33 8.26
N HIS A 173 -0.07 -3.49 7.30
CA HIS A 173 -0.82 -4.74 7.17
C HIS A 173 0.06 -5.83 6.55
N VAL A 174 0.74 -5.51 5.46
CA VAL A 174 1.69 -6.40 4.81
C VAL A 174 2.99 -5.64 4.61
N SER A 175 4.11 -6.30 4.91
CA SER A 175 5.42 -5.67 4.75
C SER A 175 5.88 -5.78 3.30
N ASN A 176 6.30 -4.65 2.73
CA ASN A 176 6.78 -4.63 1.35
C ASN A 176 8.12 -5.32 1.18
N VAL A 177 8.84 -5.57 2.26
CA VAL A 177 10.14 -6.24 2.22
C VAL A 177 10.03 -7.68 2.70
N LEU A 178 9.46 -7.89 3.89
CA LEU A 178 9.43 -9.21 4.48
C LEU A 178 8.33 -10.10 3.91
N GLY A 179 7.28 -9.51 3.34
CA GLY A 179 6.09 -10.26 3.00
C GLY A 179 5.22 -10.62 4.19
N THR A 180 5.58 -10.18 5.38
CA THR A 180 4.85 -10.52 6.59
C THR A 180 3.43 -9.97 6.54
N VAL A 181 2.48 -10.78 6.97
CA VAL A 181 1.11 -10.35 7.20
C VAL A 181 0.94 -10.18 8.70
N ASN A 182 0.86 -8.93 9.16
CA ASN A 182 0.83 -8.66 10.59
C ASN A 182 -0.57 -8.89 11.16
N PRO A 183 -0.66 -9.31 12.43
CA PRO A 183 -1.97 -9.56 13.07
C PRO A 183 -2.68 -8.25 13.44
N ILE A 184 -3.26 -7.62 12.42
CA ILE A 184 -3.82 -6.27 12.59
C ILE A 184 -4.99 -6.28 13.57
N LYS A 185 -5.81 -7.32 13.53
CA LYS A 185 -7.00 -7.37 14.39
C LYS A 185 -6.63 -7.38 15.86
N GLU A 186 -5.79 -8.35 16.26
CA GLU A 186 -5.37 -8.44 17.64
C GLU A 186 -4.56 -7.22 18.06
N MET A 187 -3.79 -6.63 17.15
CA MET A 187 -3.06 -5.41 17.48
C MET A 187 -4.00 -4.25 17.74
N ALA A 188 -5.10 -4.17 16.98
CA ALA A 188 -6.10 -3.13 17.24
C ALA A 188 -6.76 -3.35 18.59
N LYS A 189 -7.07 -4.60 18.93
CA LYS A 189 -7.61 -4.89 20.26
C LYS A 189 -6.65 -4.45 21.35
N ILE A 190 -5.36 -4.77 21.18
CA ILE A 190 -4.35 -4.40 22.16
C ILE A 190 -4.25 -2.88 22.30
N ALA A 191 -4.22 -2.18 21.16
CA ALA A 191 -4.09 -0.72 21.18
C ALA A 191 -5.28 -0.08 21.86
N HIS A 192 -6.49 -0.59 21.60
CA HIS A 192 -7.68 -0.02 22.22
C HIS A 192 -7.72 -0.32 23.72
N ASP A 193 -7.24 -1.50 24.12
CA ASP A 193 -7.17 -1.83 25.55
C ASP A 193 -6.28 -0.84 26.31
N ASN A 194 -5.26 -0.30 25.65
CA ASN A 194 -4.37 0.68 26.25
C ASN A 194 -4.78 2.11 25.92
N GLY A 195 -5.95 2.30 25.32
CA GLY A 195 -6.47 3.64 25.07
C GLY A 195 -5.88 4.34 23.86
N ALA A 196 -5.30 3.61 22.92
CA ALA A 196 -4.70 4.19 21.73
C ALA A 196 -5.55 3.90 20.51
N VAL A 197 -5.24 4.59 19.43
CA VAL A 197 -5.82 4.30 18.12
C VAL A 197 -4.79 3.52 17.31
N ILE A 198 -5.23 2.94 16.20
CA ILE A 198 -4.35 2.15 15.35
C ILE A 198 -4.47 2.65 13.91
N VAL A 199 -3.33 2.85 13.28
CA VAL A 199 -3.21 3.32 11.89
C VAL A 199 -2.58 2.19 11.09
N VAL A 200 -3.36 1.62 10.18
CA VAL A 200 -2.89 0.53 9.33
C VAL A 200 -2.38 1.11 8.03
N ASP A 201 -1.12 0.83 7.73
CA ASP A 201 -0.53 1.05 6.41
C ASP A 201 -0.90 -0.16 5.56
N GLY A 202 -1.99 -0.04 4.81
CA GLY A 202 -2.47 -1.13 4.00
C GLY A 202 -2.10 -1.01 2.54
N ALA A 203 -0.94 -0.40 2.27
CA ALA A 203 -0.53 -0.16 0.88
C ALA A 203 -0.28 -1.47 0.16
N GLN A 204 0.28 -2.47 0.85
CA GLN A 204 0.62 -3.74 0.23
C GLN A 204 -0.41 -4.83 0.44
N SER A 205 -1.40 -4.62 1.31
CA SER A 205 -2.43 -5.62 1.56
C SER A 205 -3.65 -5.41 0.68
N THR A 206 -4.10 -4.17 0.54
CA THR A 206 -5.29 -3.87 -0.25
C THR A 206 -5.29 -4.48 -1.66
N PRO A 207 -4.19 -4.49 -2.42
CA PRO A 207 -4.28 -5.06 -3.78
C PRO A 207 -4.46 -6.57 -3.80
N HIS A 208 -4.01 -7.28 -2.77
CA HIS A 208 -3.87 -8.72 -2.86
C HIS A 208 -4.79 -9.50 -1.93
N MET A 209 -5.50 -8.84 -1.02
CA MET A 209 -6.36 -9.56 -0.09
C MET A 209 -7.54 -8.68 0.32
N LYS A 210 -8.62 -9.34 0.72
CA LYS A 210 -9.83 -8.63 1.12
C LYS A 210 -9.61 -7.84 2.40
N ILE A 211 -10.15 -6.62 2.43
CA ILE A 211 -10.03 -5.73 3.57
C ILE A 211 -11.39 -5.53 4.19
N ASP A 212 -11.44 -5.55 5.53
CA ASP A 212 -12.69 -5.33 6.27
C ASP A 212 -12.38 -4.43 7.46
N VAL A 213 -12.64 -3.14 7.30
CA VAL A 213 -12.39 -2.19 8.38
C VAL A 213 -13.18 -2.56 9.63
N GLN A 214 -14.35 -3.17 9.46
CA GLN A 214 -15.17 -3.54 10.61
C GLN A 214 -14.53 -4.70 11.38
N ASP A 215 -14.13 -5.74 10.66
CA ASP A 215 -13.52 -6.90 11.31
C ASP A 215 -12.18 -6.54 11.93
N LEU A 216 -11.37 -5.73 11.23
CA LEU A 216 -10.07 -5.34 11.79
C LEU A 216 -10.23 -4.33 12.91
N ASP A 217 -11.31 -3.56 12.90
CA ASP A 217 -11.53 -2.46 13.86
C ASP A 217 -10.34 -1.51 13.89
N CYS A 218 -9.78 -1.24 12.71
CA CYS A 218 -8.72 -0.26 12.61
C CYS A 218 -9.30 1.15 12.67
N ASP A 219 -8.59 2.04 13.34
CA ASP A 219 -9.05 3.43 13.41
C ASP A 219 -8.69 4.21 12.15
N PHE A 220 -7.60 3.85 11.50
CA PHE A 220 -7.25 4.44 10.20
C PHE A 220 -6.67 3.36 9.31
N PHE A 221 -6.83 3.55 7.99
CA PHE A 221 -6.35 2.60 7.00
C PHE A 221 -5.96 3.37 5.74
N ALA A 222 -4.73 3.19 5.27
CA ALA A 222 -4.24 3.92 4.11
C ALA A 222 -3.92 2.97 2.97
N LEU A 223 -4.32 3.35 1.75
CA LEU A 223 -4.08 2.52 0.58
C LEU A 223 -3.73 3.38 -0.63
N SER A 224 -3.04 2.76 -1.58
CA SER A 224 -2.60 3.40 -2.82
C SER A 224 -3.23 2.69 -4.01
N SER A 225 -3.68 3.47 -5.00
CA SER A 225 -4.41 2.91 -6.14
C SER A 225 -3.49 2.29 -7.19
N HIS A 226 -2.29 2.85 -7.38
CA HIS A 226 -1.41 2.35 -8.42
C HIS A 226 -0.92 0.93 -8.16
N LYS A 227 -1.12 0.41 -6.96
CA LYS A 227 -0.72 -0.95 -6.65
C LYS A 227 -1.84 -1.96 -6.80
N MET A 228 -3.06 -1.51 -6.97
CA MET A 228 -4.22 -2.38 -7.15
C MET A 228 -4.82 -2.17 -8.54
N CYS A 229 -3.95 -2.05 -9.55
CA CYS A 229 -4.33 -1.91 -10.95
C CYS A 229 -5.01 -0.57 -11.27
N GLY A 230 -4.92 0.40 -10.35
CA GLY A 230 -5.55 1.67 -10.56
C GLY A 230 -4.58 2.75 -11.01
N PRO A 231 -5.11 3.93 -11.36
CA PRO A 231 -4.25 5.00 -11.85
C PRO A 231 -3.30 5.51 -10.77
N THR A 232 -2.21 6.12 -11.23
CA THR A 232 -1.27 6.74 -10.33
C THR A 232 -1.84 8.05 -9.77
N GLY A 233 -1.27 8.50 -8.67
CA GLY A 233 -1.61 9.79 -8.11
C GLY A 233 -2.85 9.83 -7.25
N VAL A 234 -3.46 8.69 -6.96
CA VAL A 234 -4.67 8.65 -6.14
C VAL A 234 -4.55 7.51 -5.15
N GLY A 235 -5.07 7.75 -3.94
CA GLY A 235 -5.14 6.74 -2.89
C GLY A 235 -6.31 7.02 -1.99
N VAL A 236 -6.46 6.25 -0.91
CA VAL A 236 -7.58 6.39 -0.01
C VAL A 236 -7.08 6.43 1.43
N LEU A 237 -7.64 7.36 2.21
CA LEU A 237 -7.56 7.36 3.66
C LEU A 237 -8.93 6.99 4.21
N TYR A 238 -8.96 5.96 5.05
CA TYR A 238 -10.15 5.60 5.81
C TYR A 238 -9.91 5.96 7.26
N GLY A 239 -10.83 6.71 7.85
CA GLY A 239 -10.82 6.95 9.27
C GLY A 239 -12.22 6.74 9.83
N LYS A 240 -12.26 6.26 11.07
CA LYS A 240 -13.54 6.14 11.75
C LYS A 240 -14.22 7.50 11.79
N LYS A 241 -15.49 7.52 11.36
CA LYS A 241 -16.23 8.78 11.23
C LYS A 241 -16.12 9.63 12.50
N ALA A 242 -16.25 8.99 13.66
CA ALA A 242 -16.15 9.71 14.93
C ALA A 242 -14.78 10.38 15.08
N LEU A 243 -13.72 9.77 14.56
CA LEU A 243 -12.40 10.37 14.64
C LEU A 243 -12.22 11.47 13.60
N LEU A 244 -12.68 11.23 12.36
CA LEU A 244 -12.54 12.23 11.31
C LEU A 244 -13.37 13.48 11.59
N GLU A 245 -14.41 13.37 12.42
CA GLU A 245 -15.21 14.56 12.72
C GLU A 245 -14.45 15.57 13.57
N ASN A 246 -13.56 15.10 14.45
CA ASN A 246 -12.84 15.97 15.37
C ASN A 246 -11.45 16.34 14.87
N MET A 247 -11.12 15.97 13.64
CA MET A 247 -9.81 16.27 13.06
C MET A 247 -9.91 17.47 12.14
N GLU A 248 -9.03 18.45 12.35
CA GLU A 248 -8.98 19.60 11.47
C GLU A 248 -8.43 19.18 10.10
N PRO A 249 -8.86 19.85 9.03
CA PRO A 249 -8.36 19.49 7.70
C PRO A 249 -6.88 19.75 7.58
N ALA A 250 -6.19 18.87 6.84
CA ALA A 250 -4.78 19.07 6.55
C ALA A 250 -4.55 20.07 5.43
N GLU A 251 -5.57 20.32 4.60
CA GLU A 251 -5.49 21.25 3.49
C GLU A 251 -6.72 22.15 3.49
N PHE A 252 -6.55 23.36 2.97
CA PHE A 252 -7.62 24.35 2.95
C PHE A 252 -7.76 24.94 1.57
N GLY A 253 -8.99 25.26 1.20
CA GLY A 253 -9.28 25.80 -0.12
C GLY A 253 -10.74 25.58 -0.47
N GLY A 254 -11.03 25.70 -1.77
CA GLY A 254 -12.38 25.45 -2.24
C GLY A 254 -12.81 24.02 -2.03
N GLU A 255 -14.13 23.82 -2.12
CA GLU A 255 -14.79 22.51 -2.04
C GLU A 255 -14.91 21.98 -0.62
N MET A 256 -13.98 22.36 0.26
CA MET A 256 -13.97 21.85 1.63
C MET A 256 -14.50 22.84 2.65
N ILE A 257 -15.02 23.99 2.22
CA ILE A 257 -15.50 25.01 3.12
C ILE A 257 -17.01 25.14 3.01
N ASP A 258 -17.62 25.67 4.07
CA ASP A 258 -19.03 26.05 4.07
C ASP A 258 -19.19 27.55 3.90
N PHE A 259 -18.66 28.34 4.82
CA PHE A 259 -18.68 29.79 4.76
C PHE A 259 -17.25 30.30 4.87
N VAL A 260 -16.92 31.32 4.09
CA VAL A 260 -15.61 31.94 4.12
C VAL A 260 -15.79 33.43 4.37
N GLY A 261 -15.39 33.89 5.56
CA GLY A 261 -15.28 35.31 5.83
C GLY A 261 -13.89 35.82 5.51
N LEU A 262 -13.65 37.08 5.83
CA LEU A 262 -12.35 37.67 5.59
C LEU A 262 -11.26 37.00 6.42
N TYR A 263 -11.60 36.49 7.60
CA TYR A 263 -10.58 36.02 8.52
C TYR A 263 -10.80 34.58 8.99
N GLU A 264 -12.04 34.11 9.01
CA GLU A 264 -12.33 32.77 9.49
C GLU A 264 -13.30 32.08 8.53
N SER A 265 -13.21 30.75 8.49
CA SER A 265 -14.06 29.92 7.64
C SER A 265 -14.54 28.71 8.43
N THR A 266 -15.62 28.11 7.94
CA THR A 266 -16.16 26.87 8.50
C THR A 266 -16.06 25.77 7.45
N TRP A 267 -15.97 24.52 7.91
CA TRP A 267 -15.70 23.40 7.02
C TRP A 267 -16.99 22.71 6.60
N LYS A 268 -16.86 21.86 5.59
CA LYS A 268 -17.96 21.04 5.08
C LYS A 268 -18.12 19.79 5.93
N GLU A 269 -19.13 18.99 5.61
CA GLU A 269 -19.26 17.69 6.23
C GLU A 269 -18.15 16.76 5.74
N LEU A 270 -18.03 15.62 6.39
CA LEU A 270 -17.26 14.53 5.81
C LEU A 270 -17.96 14.06 4.54
N PRO A 271 -17.19 13.58 3.54
CA PRO A 271 -15.74 13.47 3.51
C PRO A 271 -15.05 14.68 2.90
N TRP A 272 -15.85 15.60 2.33
CA TRP A 272 -15.30 16.71 1.56
C TRP A 272 -14.50 17.68 2.43
N LYS A 273 -14.64 17.62 3.75
CA LYS A 273 -13.83 18.44 4.64
C LYS A 273 -12.34 18.21 4.44
N PHE A 274 -11.96 17.02 3.96
CA PHE A 274 -10.57 16.64 3.81
C PHE A 274 -10.14 16.54 2.34
N GLU A 275 -10.88 17.18 1.42
CA GLU A 275 -10.57 17.16 -0.01
C GLU A 275 -10.56 18.59 -0.52
N ALA A 276 -9.44 19.28 -0.33
CA ALA A 276 -9.32 20.67 -0.77
C ALA A 276 -9.05 20.73 -2.26
N GLY A 277 -9.60 21.76 -2.91
CA GLY A 277 -9.36 22.00 -4.32
C GLY A 277 -10.07 21.00 -5.21
N THR A 278 -9.79 21.12 -6.51
CA THR A 278 -10.35 20.21 -7.49
C THR A 278 -9.77 18.82 -7.29
N PRO A 279 -10.59 17.80 -7.04
CA PRO A 279 -10.05 16.49 -6.67
C PRO A 279 -9.53 15.73 -7.88
N ILE A 280 -8.91 14.59 -7.59
CA ILE A 280 -8.38 13.68 -8.60
C ILE A 280 -9.55 12.92 -9.21
N ILE A 281 -10.28 13.57 -10.12
CA ILE A 281 -11.53 13.02 -10.63
C ILE A 281 -11.27 11.76 -11.44
N ALA A 282 -10.53 11.90 -12.55
CA ALA A 282 -10.26 10.76 -13.41
C ALA A 282 -9.54 9.65 -12.67
N GLY A 283 -8.61 10.01 -11.79
CA GLY A 283 -7.88 9.00 -11.04
C GLY A 283 -8.78 8.18 -10.13
N ALA A 284 -9.70 8.85 -9.42
CA ALA A 284 -10.60 8.13 -8.53
C ALA A 284 -11.59 7.28 -9.30
N ILE A 285 -12.08 7.78 -10.45
CA ILE A 285 -13.00 6.96 -11.24
C ILE A 285 -12.29 5.74 -11.81
N GLY A 286 -11.02 5.90 -12.22
CA GLY A 286 -10.24 4.75 -12.63
C GLY A 286 -9.96 3.79 -11.51
N LEU A 287 -9.77 4.30 -10.30
CA LEU A 287 -9.61 3.41 -9.14
C LEU A 287 -10.89 2.62 -8.89
N GLY A 288 -12.05 3.25 -9.07
CA GLY A 288 -13.30 2.52 -9.00
C GLY A 288 -13.39 1.42 -10.06
N ALA A 289 -12.90 1.73 -11.27
CA ALA A 289 -12.84 0.70 -12.31
C ALA A 289 -11.93 -0.46 -11.89
N ALA A 290 -10.79 -0.13 -11.28
CA ALA A 290 -9.87 -1.17 -10.80
C ALA A 290 -10.54 -2.03 -9.74
N ILE A 291 -11.33 -1.41 -8.86
CA ILE A 291 -12.03 -2.17 -7.83
C ILE A 291 -13.08 -3.09 -8.45
N ASP A 292 -13.81 -2.59 -9.46
CA ASP A 292 -14.74 -3.44 -10.21
C ASP A 292 -14.01 -4.65 -10.79
N PHE A 293 -12.86 -4.41 -11.41
CA PHE A 293 -12.07 -5.49 -12.02
C PHE A 293 -11.65 -6.52 -10.98
N LEU A 294 -11.11 -6.06 -9.85
CA LEU A 294 -10.64 -6.97 -8.82
C LEU A 294 -11.79 -7.80 -8.24
N GLU A 295 -12.91 -7.15 -7.92
CA GLU A 295 -14.05 -7.89 -7.39
C GLU A 295 -14.64 -8.84 -8.41
N GLU A 296 -14.52 -8.50 -9.71
CA GLU A 296 -14.94 -9.43 -10.76
C GLU A 296 -14.07 -10.68 -10.75
N ILE A 297 -12.77 -10.54 -10.54
CA ILE A 297 -11.94 -11.72 -10.43
C ILE A 297 -12.14 -12.39 -9.07
N GLY A 298 -12.27 -11.60 -8.01
CA GLY A 298 -12.42 -12.15 -6.67
C GLY A 298 -11.15 -12.02 -5.85
N LEU A 299 -11.23 -11.31 -4.72
CA LEU A 299 -10.04 -11.06 -3.92
C LEU A 299 -9.54 -12.32 -3.24
N ASP A 300 -10.45 -13.24 -2.88
CA ASP A 300 -10.01 -14.51 -2.32
C ASP A 300 -9.25 -15.34 -3.35
N GLU A 301 -9.73 -15.34 -4.60
CA GLU A 301 -9.00 -16.02 -5.67
C GLU A 301 -7.62 -15.42 -5.88
N ILE A 302 -7.53 -14.08 -5.84
CA ILE A 302 -6.24 -13.42 -6.00
C ILE A 302 -5.31 -13.77 -4.85
N SER A 303 -5.86 -13.84 -3.62
CA SER A 303 -5.04 -14.21 -2.47
C SER A 303 -4.52 -15.64 -2.60
N ARG A 304 -5.37 -16.56 -3.04
CA ARG A 304 -4.94 -17.94 -3.21
C ARG A 304 -3.88 -18.05 -4.31
N HIS A 305 -4.06 -17.33 -5.42
CA HIS A 305 -3.03 -17.31 -6.46
C HIS A 305 -1.72 -16.76 -5.92
N GLU A 306 -1.80 -15.72 -5.10
CA GLU A 306 -0.59 -15.13 -4.51
C GLU A 306 0.12 -16.12 -3.59
N HIS A 307 -0.64 -16.83 -2.77
CA HIS A 307 -0.03 -17.80 -1.86
C HIS A 307 0.58 -18.96 -2.63
N LYS A 308 -0.08 -19.39 -3.70
CA LYS A 308 0.49 -20.41 -4.58
C LYS A 308 1.83 -19.95 -5.14
N LEU A 309 1.84 -18.74 -5.72
CA LEU A 309 3.08 -18.20 -6.29
C LEU A 309 4.17 -18.06 -5.23
N ALA A 310 3.79 -17.64 -4.01
CA ALA A 310 4.79 -17.39 -2.98
C ALA A 310 5.38 -18.70 -2.44
N ALA A 311 4.55 -19.71 -2.22
CA ALA A 311 5.07 -21.01 -1.80
C ALA A 311 5.97 -21.60 -2.89
N TYR A 312 5.53 -21.51 -4.15
CA TYR A 312 6.34 -21.99 -5.26
C TYR A 312 7.70 -21.27 -5.28
N ALA A 313 7.68 -19.95 -5.12
CA ALA A 313 8.92 -19.18 -5.18
C ALA A 313 9.83 -19.51 -4.01
N LEU A 314 9.27 -19.68 -2.80
CA LEU A 314 10.09 -20.04 -1.66
C LEU A 314 10.76 -21.39 -1.86
N GLU A 315 10.01 -22.37 -2.37
CA GLU A 315 10.60 -23.68 -2.62
C GLU A 315 11.69 -23.61 -3.68
N ARG A 316 11.43 -22.91 -4.79
CA ARG A 316 12.42 -22.81 -5.85
C ARG A 316 13.67 -22.06 -5.37
N PHE A 317 13.49 -21.04 -4.53
CA PHE A 317 14.63 -20.34 -3.97
C PHE A 317 15.44 -21.23 -3.06
N ARG A 318 14.77 -22.04 -2.23
CA ARG A 318 15.47 -23.02 -1.42
C ARG A 318 16.17 -24.07 -2.26
N GLN A 319 15.74 -24.28 -3.50
CA GLN A 319 16.48 -25.15 -4.40
C GLN A 319 17.81 -24.55 -4.84
N LEU A 320 17.96 -23.23 -4.78
CA LEU A 320 19.23 -22.58 -5.03
C LEU A 320 20.01 -22.44 -3.73
N ASP A 321 21.30 -22.75 -3.77
CA ASP A 321 22.17 -22.51 -2.64
C ASP A 321 23.01 -21.27 -2.90
N GLY A 322 23.38 -20.58 -1.82
CA GLY A 322 24.00 -19.28 -1.94
C GLY A 322 23.03 -18.14 -2.01
N VAL A 323 21.76 -18.37 -1.66
CA VAL A 323 20.72 -17.34 -1.67
C VAL A 323 20.14 -17.24 -0.28
N THR A 324 20.11 -16.03 0.26
CA THR A 324 19.43 -15.73 1.52
C THR A 324 18.08 -15.11 1.21
N VAL A 325 17.03 -15.64 1.82
CA VAL A 325 15.68 -15.10 1.72
C VAL A 325 15.28 -14.58 3.10
N TYR A 326 14.74 -13.37 3.13
CA TYR A 326 14.37 -12.71 4.38
C TYR A 326 12.87 -12.78 4.59
N GLY A 327 12.46 -13.13 5.80
CA GLY A 327 11.07 -13.11 6.16
C GLY A 327 10.50 -14.45 6.56
N PRO A 328 9.21 -14.48 6.89
CA PRO A 328 8.58 -15.71 7.37
C PRO A 328 8.16 -16.61 6.22
N GLU A 329 7.68 -17.80 6.58
CA GLU A 329 7.16 -18.74 5.60
C GLU A 329 5.79 -18.30 5.10
N GLU A 330 4.84 -18.13 6.01
CA GLU A 330 3.55 -17.55 5.65
C GLU A 330 3.75 -16.08 5.30
N ARG A 331 3.41 -15.71 4.07
CA ARG A 331 3.77 -14.39 3.56
C ARG A 331 2.81 -14.02 2.42
N ALA A 332 2.99 -12.81 1.91
CA ALA A 332 2.32 -12.37 0.70
C ALA A 332 3.19 -12.70 -0.51
N GLY A 333 2.74 -12.29 -1.69
CA GLY A 333 3.41 -12.65 -2.93
C GLY A 333 4.63 -11.81 -3.25
N LEU A 334 5.66 -11.86 -2.41
CA LEU A 334 6.91 -11.18 -2.69
C LEU A 334 8.03 -11.93 -2.00
N VAL A 335 9.20 -11.95 -2.66
CA VAL A 335 10.38 -12.62 -2.15
C VAL A 335 11.52 -11.61 -2.14
N THR A 336 12.02 -11.30 -0.95
CA THR A 336 13.14 -10.41 -0.76
C THR A 336 14.37 -11.22 -0.38
N PHE A 337 15.46 -11.01 -1.10
CA PHE A 337 16.57 -11.95 -1.06
C PHE A 337 17.89 -11.25 -1.40
N ASN A 338 18.96 -12.04 -1.33
CA ASN A 338 20.29 -11.66 -1.75
C ASN A 338 21.04 -12.92 -2.17
N LEU A 339 22.01 -12.76 -3.07
CA LEU A 339 22.88 -13.85 -3.45
C LEU A 339 24.23 -13.68 -2.77
N ASP A 340 24.81 -14.79 -2.32
CA ASP A 340 26.14 -14.76 -1.73
C ASP A 340 27.14 -14.23 -2.74
N ASP A 341 27.86 -13.18 -2.35
CA ASP A 341 28.97 -12.60 -3.11
C ASP A 341 28.54 -11.91 -4.39
N VAL A 342 27.26 -11.54 -4.52
CA VAL A 342 26.78 -10.73 -5.63
C VAL A 342 25.94 -9.60 -5.07
N HIS A 343 26.23 -8.37 -5.48
CA HIS A 343 25.47 -7.25 -4.96
C HIS A 343 24.10 -7.18 -5.63
N PRO A 344 23.05 -6.81 -4.89
CA PRO A 344 21.69 -6.83 -5.46
C PRO A 344 21.52 -5.95 -6.69
N HIS A 345 22.24 -4.83 -6.79
CA HIS A 345 22.11 -3.99 -7.98
C HIS A 345 22.59 -4.73 -9.22
N ASP A 346 23.70 -5.47 -9.11
CA ASP A 346 24.16 -6.27 -10.22
C ASP A 346 23.17 -7.39 -10.55
N VAL A 347 22.55 -7.97 -9.52
CA VAL A 347 21.53 -8.99 -9.75
C VAL A 347 20.38 -8.41 -10.57
N ALA A 348 19.91 -7.22 -10.17
CA ALA A 348 18.82 -6.58 -10.90
C ALA A 348 19.23 -6.22 -12.31
N THR A 349 20.48 -5.79 -12.50
CA THR A 349 20.96 -5.44 -13.84
C THR A 349 20.97 -6.66 -14.76
N VAL A 350 21.58 -7.76 -14.29
CA VAL A 350 21.66 -8.95 -15.12
C VAL A 350 20.29 -9.60 -15.30
N LEU A 351 19.37 -9.40 -14.35
CA LEU A 351 18.02 -9.91 -14.55
C LEU A 351 17.25 -9.06 -15.57
N ASP A 352 17.49 -7.75 -15.58
CA ASP A 352 16.90 -6.90 -16.61
C ASP A 352 17.48 -7.21 -17.98
N ALA A 353 18.74 -7.62 -18.04
CA ALA A 353 19.29 -8.10 -19.31
C ALA A 353 18.50 -9.29 -19.83
N GLU A 354 17.98 -10.13 -18.93
CA GLU A 354 17.09 -11.22 -19.29
C GLU A 354 15.63 -10.79 -19.35
N GLY A 355 15.36 -9.49 -19.28
CA GLY A 355 14.00 -9.00 -19.32
C GLY A 355 13.22 -9.15 -18.03
N ILE A 356 13.89 -9.55 -16.94
CA ILE A 356 13.23 -9.74 -15.65
C ILE A 356 13.36 -8.45 -14.85
N ALA A 357 12.22 -7.95 -14.34
CA ALA A 357 12.16 -6.66 -13.67
C ALA A 357 12.02 -6.88 -12.16
N VAL A 358 13.09 -6.57 -11.41
CA VAL A 358 13.07 -6.65 -9.96
C VAL A 358 13.56 -5.32 -9.40
N ARG A 359 13.30 -5.11 -8.12
CA ARG A 359 13.78 -3.92 -7.43
C ARG A 359 14.96 -4.28 -6.54
N ALA A 360 15.95 -3.39 -6.51
CA ALA A 360 17.12 -3.56 -5.67
C ALA A 360 17.35 -2.26 -4.89
N GLY A 361 17.83 -2.41 -3.65
CA GLY A 361 18.03 -1.27 -2.79
C GLY A 361 17.49 -1.53 -1.38
N HIS A 362 17.07 -0.47 -0.69
CA HIS A 362 16.50 -0.61 0.65
C HIS A 362 14.99 -0.67 0.65
N HIS A 363 14.35 -0.48 -0.50
CA HIS A 363 12.89 -0.55 -0.63
C HIS A 363 12.19 0.41 0.34
N CSS A 364 12.83 1.55 0.56
CA CSS A 364 12.31 2.61 1.40
CB CSS A 364 11.06 3.27 0.82
SG CSS A 364 11.38 4.28 -0.57
SD CSS A 364 12.92 5.61 0.02
C CSS A 364 12.01 2.09 2.81
O CSS A 364 11.00 2.36 3.45
N ALA A 365 12.97 1.31 3.30
CA ALA A 365 12.92 0.74 4.63
C ALA A 365 14.33 0.48 5.16
N GLN A 366 15.06 1.56 5.44
CA GLN A 366 16.44 1.49 5.92
C GLN A 366 16.55 0.90 7.32
N PRO A 367 15.68 1.28 8.28
CA PRO A 367 15.74 0.62 9.59
C PRO A 367 15.63 -0.89 9.52
N LEU A 368 14.76 -1.41 8.66
CA LEU A 368 14.69 -2.87 8.50
C LEU A 368 15.98 -3.41 7.88
N MET A 369 16.55 -2.68 6.92
CA MET A 369 17.79 -3.12 6.29
C MET A 369 18.89 -3.28 7.32
N LYS A 370 19.04 -2.31 8.22
CA LYS A 370 20.04 -2.46 9.28
C LYS A 370 19.62 -3.55 10.27
N TRP A 371 18.31 -3.73 10.49
CA TRP A 371 17.86 -4.80 11.37
C TRP A 371 18.25 -6.16 10.81
N LEU A 372 18.21 -6.32 9.49
CA LEU A 372 18.71 -7.52 8.84
C LEU A 372 20.22 -7.56 8.72
N ASP A 373 20.92 -6.51 9.18
CA ASP A 373 22.35 -6.33 8.92
C ASP A 373 22.63 -6.61 7.44
N VAL A 374 22.01 -5.80 6.60
CA VAL A 374 22.34 -5.70 5.18
C VAL A 374 22.25 -4.23 4.78
N THR A 375 23.03 -3.86 3.77
CA THR A 375 22.96 -2.49 3.27
C THR A 375 21.98 -2.36 2.11
N ALA A 376 21.90 -3.39 1.28
CA ALA A 376 20.99 -3.40 0.14
C ALA A 376 20.38 -4.79 0.01
N THR A 377 19.56 -4.98 -1.01
CA THR A 377 18.66 -6.13 -1.08
C THR A 377 17.93 -6.19 -2.42
N ALA A 378 17.73 -7.40 -2.97
CA ALA A 378 16.93 -7.58 -4.17
C ALA A 378 15.53 -8.07 -3.79
N ARG A 379 14.55 -7.79 -4.65
CA ARG A 379 13.18 -8.17 -4.37
C ARG A 379 12.42 -8.45 -5.66
N ALA A 380 11.67 -9.56 -5.66
CA ALA A 380 10.79 -9.93 -6.75
C ALA A 380 9.37 -10.07 -6.21
N SER A 381 8.45 -9.27 -6.74
CA SER A 381 7.08 -9.21 -6.23
C SER A 381 6.09 -9.69 -7.29
N PHE A 382 5.06 -10.40 -6.85
CA PHE A 382 4.10 -11.04 -7.75
C PHE A 382 2.72 -10.43 -7.56
N TYR A 383 1.93 -10.44 -8.63
CA TYR A 383 0.55 -9.99 -8.61
C TYR A 383 -0.28 -11.00 -9.40
N LEU A 384 -1.50 -10.61 -9.74
CA LEU A 384 -2.50 -11.51 -10.32
C LEU A 384 -2.23 -11.87 -11.77
N TYR A 385 -1.20 -11.30 -12.40
CA TYR A 385 -0.87 -11.62 -13.79
C TYR A 385 0.43 -12.40 -13.91
N ASN A 386 1.02 -12.81 -12.80
CA ASN A 386 2.30 -13.51 -12.81
C ASN A 386 2.10 -15.01 -12.71
N THR A 387 2.94 -15.75 -13.43
CA THR A 387 2.82 -17.20 -13.54
C THR A 387 3.99 -17.88 -12.83
N GLU A 388 3.84 -19.19 -12.63
CA GLU A 388 4.94 -20.00 -12.09
C GLU A 388 6.07 -20.13 -13.10
N GLU A 389 5.76 -20.06 -14.39
CA GLU A 389 6.80 -20.05 -15.41
C GLU A 389 7.71 -18.84 -15.27
N GLU A 390 7.16 -17.71 -14.83
CA GLU A 390 8.00 -16.53 -14.64
C GLU A 390 8.91 -16.69 -13.43
N ILE A 391 8.42 -17.36 -12.38
CA ILE A 391 9.30 -17.67 -11.25
C ILE A 391 10.38 -18.65 -11.67
N ASP A 392 10.04 -19.60 -12.56
CA ASP A 392 11.05 -20.49 -13.13
C ASP A 392 12.13 -19.69 -13.85
N LYS A 393 11.72 -18.75 -14.70
CA LYS A 393 12.69 -17.89 -15.38
C LYS A 393 13.54 -17.13 -14.38
N LEU A 394 12.92 -16.63 -13.32
CA LEU A 394 13.66 -15.86 -12.30
C LEU A 394 14.73 -16.71 -11.65
N VAL A 395 14.36 -17.90 -11.17
CA VAL A 395 15.33 -18.73 -10.47
C VAL A 395 16.40 -19.26 -11.42
N GLU A 396 16.04 -19.52 -12.68
CA GLU A 396 17.04 -19.95 -13.65
C GLU A 396 18.04 -18.84 -13.93
N ALA A 397 17.56 -17.61 -14.11
CA ALA A 397 18.47 -16.48 -14.30
C ALA A 397 19.31 -16.21 -13.06
N LEU A 398 18.77 -16.48 -11.88
CA LEU A 398 19.56 -16.35 -10.66
C LEU A 398 20.67 -17.39 -10.61
N GLN A 399 20.37 -18.63 -10.99
CA GLN A 399 21.41 -19.65 -11.06
C GLN A 399 22.47 -19.29 -12.09
N LYS A 400 22.05 -18.75 -13.23
CA LYS A 400 23.01 -18.33 -14.25
C LYS A 400 23.87 -17.17 -13.77
N THR A 401 23.27 -16.23 -13.02
CA THR A 401 24.02 -15.14 -12.44
C THR A 401 25.05 -15.65 -11.44
N LYS A 402 24.66 -16.61 -10.60
CA LYS A 402 25.59 -17.21 -9.65
C LYS A 402 26.75 -17.89 -10.38
N GLU A 403 26.44 -18.68 -11.42
CA GLU A 403 27.47 -19.35 -12.18
C GLU A 403 28.41 -18.36 -12.86
N TYR A 404 27.86 -17.25 -13.35
CA TYR A 404 28.67 -16.27 -14.07
C TYR A 404 29.58 -15.52 -13.12
N PHE A 405 29.04 -15.02 -12.00
CA PHE A 405 29.85 -14.27 -11.05
C PHE A 405 30.85 -15.16 -10.34
N THR A 406 30.54 -16.44 -10.18
CA THR A 406 31.53 -17.38 -9.66
C THR A 406 32.67 -17.58 -10.64
N ASN A 407 32.37 -17.58 -11.94
CA ASN A 407 33.38 -17.69 -12.98
C ASN A 407 34.16 -16.41 -13.18
N VAL A 408 33.89 -15.36 -12.42
CA VAL A 408 34.62 -14.11 -12.52
C VAL A 408 35.68 -14.04 -11.42
C1 PEG B . -18.96 21.09 -2.84
O1 PEG B . -17.99 22.09 -2.94
C2 PEG B . -18.37 19.85 -2.18
O2 PEG B . -19.33 18.82 -2.09
C3 PEG B . -20.61 19.25 -1.72
C4 PEG B . -21.15 18.35 -0.60
O4 PEG B . -22.19 19.01 0.07
N C6P C . 6.76 1.63 -1.36
C C6P C . 7.66 -0.23 -2.81
O C6P C . 8.28 -0.51 -3.87
P C6P C . 3.03 5.15 -1.89
OP3 C6P C . 2.68 6.54 -1.44
OP1 C6P C . 1.94 4.62 -2.81
OP2 C6P C . 4.34 5.17 -2.64
OP4 C6P C . 3.15 4.18 -0.57
C5M C6P C . 4.42 3.87 -0.07
C5 C6P C . 4.29 2.58 0.72
C6 C6P C . 3.72 2.59 1.98
N1 C6P C . 3.60 1.44 2.68
C2 C6P C . 4.04 0.28 2.17
C2A C6P C . 3.90 -1.02 2.96
C3 C6P C . 4.60 0.26 0.91
O3 C6P C . 5.05 -0.93 0.35
C4 C6P C . 4.75 1.41 0.20
C4A C6P C . 5.36 1.36 -1.21
CA C6P C . 7.05 1.10 -2.61
OXT C6P C . 7.58 -1.08 -1.88
CB C6P C . 7.71 2.13 -3.45
SG C6P C . 8.77 3.04 -2.31
#